data_5EUB
#
_entry.id   5EUB
#
_cell.length_a   121.504
_cell.length_b   121.504
_cell.length_c   45.328
_cell.angle_alpha   90.000
_cell.angle_beta   90.000
_cell.angle_gamma   120.000
#
_symmetry.space_group_name_H-M   'P 3 2 1'
#
loop_
_entity.id
_entity.type
_entity.pdbx_description
1 polymer "S-methyl-5'-thioadenosine phosphorylase"
2 non-polymer 'SULFATE ION'
3 non-polymer (2~{R},3~{R},4~{S},5~{S})-2-[2,6-bis(azanyl)purin-9-yl]-5-(methylsulfanylmethyl)oxolane-3,4-diol
4 non-polymer 'CHLORIDE ION'
5 non-polymer GLYCEROL
6 water water
#
_entity_poly.entity_id   1
_entity_poly.type   'polypeptide(L)'
_entity_poly.pdbx_seq_one_letter_code
;MHHHHHHENLYFQSMASGTTTTAVKIGIIGGTGLDDPEILEGRTEKYVDTPFGKPSDALILGKIKNVDCVLLARHGRQHT
IMPSKVNYQANIWALKEEGCTHVIVTTACGSLREEIQPGDIVIIDQFIDRTTMRPQSFYDGSHSCARGVCHIPMAEPFCP
KTREVLIETAKKLGLRCHSKGTMVTIEGPRFSSRAESFMFRTWGADVINMTTVPEVVLAKEAGICYASIAMATDYDCWKE
HEEAVSVDRVLKTLKENANKAKSLLLTTIPQIGSTEWSETLHNLKNMAQFSVLLPRH
;
_entity_poly.pdbx_strand_id   A
#
loop_
_chem_comp.id
_chem_comp.type
_chem_comp.name
_chem_comp.formula
5S7 non-polymer (2~{R},3~{R},4~{S},5~{S})-2-[2,6-bis(azanyl)purin-9-yl]-5-(methylsulfanylmethyl)oxolane-3,4-diol 'C11 H16 N6 O3 S'
CL non-polymer 'CHLORIDE ION' 'Cl -1'
GOL non-polymer GLYCEROL 'C3 H8 O3'
SO4 non-polymer 'SULFATE ION' 'O4 S -2'
#
# COMPACT_ATOMS: atom_id res chain seq x y z
N VAL A 24 10.89 15.57 5.38
CA VAL A 24 10.12 14.35 4.97
C VAL A 24 10.96 13.41 4.09
N LYS A 25 10.62 12.12 4.15
CA LYS A 25 11.23 11.13 3.26
C LYS A 25 10.12 10.14 2.90
N ILE A 26 9.92 9.90 1.60
CA ILE A 26 8.77 9.11 1.13
C ILE A 26 9.20 7.71 0.73
N GLY A 27 8.71 6.72 1.47
CA GLY A 27 8.82 5.34 1.05
C GLY A 27 7.77 5.07 -0.02
N ILE A 28 8.16 4.35 -1.06
CA ILE A 28 7.22 3.96 -2.12
C ILE A 28 7.31 2.45 -2.24
N ILE A 29 6.21 1.74 -1.99
CA ILE A 29 6.19 0.32 -2.21
C ILE A 29 5.42 0.10 -3.49
N GLY A 30 6.11 -0.43 -4.50
CA GLY A 30 5.53 -0.60 -5.82
C GLY A 30 4.91 -1.97 -5.98
N GLY A 31 3.66 -1.99 -6.43
CA GLY A 31 2.93 -3.22 -6.62
C GLY A 31 3.10 -3.80 -7.99
N THR A 32 2.25 -4.78 -8.29
CA THR A 32 2.31 -5.52 -9.54
C THR A 32 2.12 -4.59 -10.72
N GLY A 33 3.06 -4.62 -11.68
CA GLY A 33 3.06 -3.73 -12.85
C GLY A 33 3.19 -2.25 -12.58
N LEU A 34 3.47 -1.88 -11.33
CA LEU A 34 3.38 -0.49 -10.82
C LEU A 34 4.60 -0.17 -9.96
N ASP A 35 5.75 -0.71 -10.37
CA ASP A 35 7.01 -0.57 -9.66
C ASP A 35 8.10 -0.27 -10.70
N ASP A 36 8.35 1.01 -10.93
CA ASP A 36 9.29 1.43 -11.97
C ASP A 36 10.37 2.28 -11.34
N PRO A 37 11.60 1.74 -11.23
CA PRO A 37 12.70 2.52 -10.63
C PRO A 37 12.96 3.84 -11.34
N GLU A 38 12.66 3.91 -12.64
CA GLU A 38 12.84 5.13 -13.44
C GLU A 38 12.04 6.34 -12.93
N ILE A 39 11.11 6.13 -12.00
CA ILE A 39 10.44 7.23 -11.32
C ILE A 39 11.41 8.10 -10.49
N LEU A 40 12.50 7.52 -10.00
CA LEU A 40 13.47 8.25 -9.19
C LEU A 40 14.68 8.71 -10.01
N GLU A 41 15.20 9.88 -9.64
CA GLU A 41 16.49 10.37 -10.15
C GLU A 41 17.59 10.11 -9.13
N GLY A 42 18.83 10.06 -9.60
CA GLY A 42 19.98 9.89 -8.72
C GLY A 42 19.89 8.63 -7.88
N ARG A 43 19.65 7.51 -8.54
CA ARG A 43 19.35 6.24 -7.88
C ARG A 43 20.58 5.49 -7.37
N THR A 44 20.45 4.97 -6.15
CA THR A 44 21.44 4.09 -5.55
C THR A 44 20.72 2.95 -4.87
N GLU A 45 21.10 1.71 -5.20
CA GLU A 45 20.48 0.56 -4.58
C GLU A 45 21.17 0.26 -3.24
N LYS A 46 20.39 -0.21 -2.27
CA LYS A 46 20.89 -0.48 -0.93
C LYS A 46 20.16 -1.69 -0.39
N TYR A 47 20.88 -2.80 -0.28
CA TYR A 47 20.37 -3.99 0.37
C TYR A 47 20.50 -3.78 1.87
N VAL A 48 19.42 -4.06 2.60
CA VAL A 48 19.41 -3.92 4.05
C VAL A 48 18.89 -5.19 4.70
N ASP A 49 19.14 -5.30 6.00
CA ASP A 49 18.60 -6.38 6.79
C ASP A 49 17.77 -5.78 7.90
N THR A 50 16.86 -6.57 8.45
CA THR A 50 16.07 -6.11 9.56
C THR A 50 15.97 -7.22 10.59
N PRO A 51 15.54 -6.87 11.82
CA PRO A 51 15.28 -7.91 12.83
C PRO A 51 14.17 -8.88 12.39
N PHE A 52 13.37 -8.50 11.40
CA PHE A 52 12.31 -9.37 10.86
C PHE A 52 12.69 -10.08 9.57
N GLY A 53 13.96 -10.01 9.19
CA GLY A 53 14.44 -10.61 7.96
C GLY A 53 14.72 -9.58 6.89
N LYS A 54 14.92 -10.08 5.67
CA LYS A 54 15.31 -9.26 4.56
C LYS A 54 14.04 -8.70 3.90
N PRO A 55 14.05 -7.43 3.50
CA PRO A 55 12.95 -6.93 2.67
C PRO A 55 12.85 -7.62 1.31
N SER A 56 11.78 -7.35 0.56
CA SER A 56 11.50 -8.03 -0.69
C SER A 56 12.64 -7.87 -1.71
N ASP A 57 13.31 -6.74 -1.65
CA ASP A 57 14.36 -6.41 -2.62
C ASP A 57 15.20 -5.30 -2.03
N ALA A 58 16.30 -4.96 -2.71
CA ALA A 58 17.04 -3.74 -2.40
C ALA A 58 16.15 -2.52 -2.32
N LEU A 59 16.44 -1.64 -1.37
CA LEU A 59 15.89 -0.31 -1.35
C LEU A 59 16.54 0.50 -2.47
N ILE A 60 15.72 1.23 -3.24
CA ILE A 60 16.24 2.15 -4.25
C ILE A 60 16.11 3.56 -3.71
N LEU A 61 17.24 4.16 -3.34
CA LEU A 61 17.27 5.53 -2.84
C LEU A 61 17.35 6.48 -4.00
N GLY A 62 16.58 7.54 -3.96
CA GLY A 62 16.62 8.53 -5.01
C GLY A 62 15.81 9.73 -4.61
N LYS A 63 15.50 10.55 -5.61
CA LYS A 63 14.75 11.78 -5.40
C LYS A 63 13.68 11.99 -6.46
N ILE A 64 12.60 12.66 -6.05
CA ILE A 64 11.61 13.21 -6.97
C ILE A 64 11.63 14.72 -6.71
N LYS A 65 12.02 15.49 -7.71
CA LYS A 65 12.39 16.90 -7.52
C LYS A 65 13.36 17.00 -6.34
N ASN A 66 13.02 17.73 -5.28
CA ASN A 66 13.94 17.84 -4.16
C ASN A 66 13.63 16.85 -3.01
N VAL A 67 12.65 15.97 -3.19
CA VAL A 67 12.19 15.12 -2.08
C VAL A 67 12.89 13.78 -2.07
N ASP A 68 13.46 13.41 -0.93
CA ASP A 68 14.11 12.12 -0.79
C ASP A 68 13.05 11.01 -0.79
N CYS A 69 13.32 9.96 -1.56
CA CYS A 69 12.43 8.80 -1.68
C CYS A 69 13.19 7.51 -1.57
N VAL A 70 12.45 6.46 -1.22
CA VAL A 70 12.98 5.13 -1.11
C VAL A 70 11.94 4.23 -1.80
N LEU A 71 12.32 3.61 -2.91
CA LEU A 71 11.42 2.69 -3.62
C LEU A 71 11.75 1.26 -3.25
N LEU A 72 10.71 0.44 -3.08
CA LEU A 72 10.82 -0.95 -2.74
C LEU A 72 9.79 -1.74 -3.54
N ALA A 73 10.23 -2.71 -4.34
CA ALA A 73 9.33 -3.58 -5.08
C ALA A 73 8.68 -4.61 -4.15
N ARG A 74 7.35 -4.55 -3.99
CA ARG A 74 6.67 -5.46 -3.05
C ARG A 74 6.96 -6.95 -3.33
N HIS A 75 6.93 -7.34 -4.59
CA HIS A 75 7.07 -8.75 -4.97
C HIS A 75 8.49 -9.16 -5.37
N GLY A 76 9.47 -8.29 -5.10
CA GLY A 76 10.87 -8.58 -5.43
C GLY A 76 11.26 -8.12 -6.82
N ARG A 77 12.56 -8.22 -7.10
CA ARG A 77 13.14 -7.82 -8.38
C ARG A 77 12.42 -8.49 -9.54
N GLN A 78 12.31 -9.81 -9.48
CA GLN A 78 11.76 -10.60 -10.58
C GLN A 78 10.27 -11.00 -10.41
N HIS A 79 9.54 -10.33 -9.50
CA HIS A 79 8.13 -10.69 -9.17
C HIS A 79 8.01 -12.16 -8.80
N THR A 80 8.77 -12.51 -7.78
CA THR A 80 9.03 -13.90 -7.38
C THR A 80 8.22 -14.32 -6.16
N ILE A 81 7.58 -13.38 -5.46
CA ILE A 81 7.12 -13.63 -4.08
C ILE A 81 5.58 -13.56 -4.02
N MET A 82 4.95 -14.64 -3.56
CA MET A 82 3.48 -14.71 -3.50
C MET A 82 2.98 -13.80 -2.34
N PRO A 83 1.76 -13.30 -2.45
CA PRO A 83 1.31 -12.30 -1.44
C PRO A 83 1.36 -12.79 0.00
N SER A 84 0.99 -14.05 0.22
CA SER A 84 1.12 -14.70 1.56
C SER A 84 2.52 -14.68 2.14
N LYS A 85 3.54 -14.65 1.29
CA LYS A 85 4.92 -14.76 1.76
C LYS A 85 5.75 -13.49 1.64
N VAL A 86 5.13 -12.40 1.22
CA VAL A 86 5.78 -11.10 1.27
C VAL A 86 6.12 -10.79 2.73
N ASN A 87 7.31 -10.30 2.96
CA ASN A 87 7.76 -10.00 4.31
C ASN A 87 7.37 -8.57 4.67
N TYR A 88 6.10 -8.41 5.06
CA TYR A 88 5.51 -7.10 5.35
C TYR A 88 6.24 -6.44 6.51
N GLN A 89 6.60 -7.22 7.53
CA GLN A 89 7.36 -6.69 8.65
C GLN A 89 8.71 -6.11 8.23
N ALA A 90 9.48 -6.86 7.45
CA ALA A 90 10.80 -6.41 7.02
C ALA A 90 10.68 -5.20 6.10
N ASN A 91 9.71 -5.20 5.19
CA ASN A 91 9.52 -4.06 4.30
C ASN A 91 9.23 -2.74 5.05
N ILE A 92 8.25 -2.76 5.95
CA ILE A 92 7.93 -1.56 6.70
C ILE A 92 9.09 -1.18 7.63
N TRP A 93 9.69 -2.17 8.31
CA TRP A 93 10.80 -1.87 9.25
C TRP A 93 11.98 -1.24 8.52
N ALA A 94 12.32 -1.77 7.36
CA ALA A 94 13.38 -1.22 6.54
C ALA A 94 13.11 0.22 6.14
N LEU A 95 11.87 0.53 5.71
CA LEU A 95 11.53 1.91 5.34
C LEU A 95 11.55 2.83 6.55
N LYS A 96 11.04 2.36 7.70
CA LYS A 96 11.12 3.10 8.95
C LYS A 96 12.59 3.42 9.29
N GLU A 97 13.45 2.41 9.26
CA GLU A 97 14.88 2.58 9.61
C GLU A 97 15.61 3.52 8.66
N GLU A 98 15.20 3.54 7.39
CA GLU A 98 15.77 4.44 6.41
C GLU A 98 15.34 5.90 6.62
N GLY A 99 14.40 6.15 7.54
CA GLY A 99 13.96 7.49 7.88
C GLY A 99 12.67 7.93 7.20
N CYS A 100 11.91 7.01 6.61
CA CYS A 100 10.68 7.38 5.91
C CYS A 100 9.62 7.89 6.90
N THR A 101 9.08 9.06 6.62
CA THR A 101 7.98 9.64 7.39
C THR A 101 6.63 9.20 6.81
N HIS A 102 6.63 8.96 5.49
CA HIS A 102 5.47 8.60 4.72
C HIS A 102 5.77 7.36 3.94
N VAL A 103 4.75 6.54 3.71
CA VAL A 103 4.82 5.45 2.75
C VAL A 103 3.59 5.60 1.85
N ILE A 104 3.81 5.73 0.54
CA ILE A 104 2.73 5.76 -0.43
C ILE A 104 2.96 4.53 -1.30
N VAL A 105 1.92 3.71 -1.48
CA VAL A 105 2.08 2.48 -2.20
C VAL A 105 1.20 2.43 -3.42
N THR A 106 1.55 1.53 -4.32
CA THR A 106 0.64 1.16 -5.40
C THR A 106 0.21 -0.29 -5.20
N THR A 107 -1.01 -0.60 -5.62
CA THR A 107 -1.50 -1.96 -5.59
C THR A 107 -2.51 -2.20 -6.70
N ALA A 108 -2.34 -3.31 -7.43
CA ALA A 108 -3.31 -3.74 -8.41
C ALA A 108 -4.47 -4.46 -7.69
N CYS A 109 -5.70 -4.17 -8.13
CA CYS A 109 -6.86 -4.74 -7.49
C CYS A 109 -7.97 -5.03 -8.45
N GLY A 110 -8.93 -5.83 -8.01
CA GLY A 110 -10.17 -6.02 -8.75
C GLY A 110 -11.24 -5.09 -8.25
N SER A 111 -12.21 -4.77 -9.12
CA SER A 111 -13.31 -3.91 -8.76
C SER A 111 -14.51 -4.74 -8.33
N LEU A 112 -15.14 -4.34 -7.22
CA LEU A 112 -16.40 -4.92 -6.76
C LEU A 112 -17.59 -3.98 -6.96
N ARG A 113 -17.42 -2.92 -7.74
CA ARG A 113 -18.49 -1.92 -7.95
C ARG A 113 -18.53 -1.51 -9.40
N GLU A 114 -19.73 -1.43 -9.98
CA GLU A 114 -19.88 -1.03 -11.40
C GLU A 114 -19.15 0.29 -11.69
N GLU A 115 -19.24 1.24 -10.77
CA GLU A 115 -18.69 2.59 -10.99
C GLU A 115 -17.15 2.65 -10.93
N ILE A 116 -16.52 1.64 -10.30
CA ILE A 116 -15.07 1.50 -10.35
C ILE A 116 -14.67 0.67 -11.58
N GLN A 117 -14.34 1.39 -12.65
CA GLN A 117 -14.01 0.78 -13.92
C GLN A 117 -12.56 0.34 -13.98
N PRO A 118 -12.26 -0.69 -14.77
CA PRO A 118 -10.87 -1.03 -15.03
C PRO A 118 -10.08 0.19 -15.51
N GLY A 119 -8.95 0.43 -14.89
CA GLY A 119 -8.14 1.61 -15.16
C GLY A 119 -8.32 2.73 -14.18
N ASP A 120 -9.38 2.67 -13.37
CA ASP A 120 -9.64 3.70 -12.36
C ASP A 120 -8.68 3.54 -11.20
N ILE A 121 -8.35 4.67 -10.59
CA ILE A 121 -7.62 4.71 -9.34
C ILE A 121 -8.62 4.83 -8.20
N VAL A 122 -8.31 4.18 -7.08
CA VAL A 122 -9.12 4.29 -5.88
C VAL A 122 -8.22 4.66 -4.74
N ILE A 123 -8.48 5.80 -4.10
CA ILE A 123 -7.67 6.22 -2.97
C ILE A 123 -8.32 5.62 -1.72
N ILE A 124 -7.99 4.37 -1.43
CA ILE A 124 -8.75 3.59 -0.42
C ILE A 124 -8.63 4.18 0.99
N ASP A 125 -9.73 4.12 1.75
CA ASP A 125 -9.75 4.64 3.11
C ASP A 125 -10.11 3.62 4.20
N GLN A 126 -10.51 2.42 3.81
CA GLN A 126 -10.80 1.33 4.75
C GLN A 126 -10.34 -0.02 4.18
N PHE A 127 -10.27 -1.03 5.05
CA PHE A 127 -10.05 -2.39 4.61
C PHE A 127 -10.92 -3.37 5.37
N ILE A 128 -11.07 -4.55 4.78
CA ILE A 128 -11.64 -5.70 5.44
C ILE A 128 -10.61 -6.82 5.29
N ASP A 129 -10.21 -7.42 6.40
CA ASP A 129 -9.19 -8.44 6.39
C ASP A 129 -9.86 -9.77 6.10
N ARG A 130 -9.39 -10.45 5.06
CA ARG A 130 -9.69 -11.85 4.84
C ARG A 130 -8.41 -12.71 4.79
N THR A 131 -7.27 -12.16 5.22
CA THR A 131 -6.05 -12.94 5.26
C THR A 131 -6.07 -13.84 6.48
N THR A 132 -5.26 -14.88 6.45
CA THR A 132 -5.21 -15.82 7.56
C THR A 132 -3.84 -16.22 8.03
N MET A 133 -2.83 -16.13 7.18
CA MET A 133 -1.57 -16.72 7.54
C MET A 133 -0.51 -15.70 7.98
N ARG A 134 -0.91 -14.45 8.27
CA ARG A 134 0.06 -13.35 8.26
C ARG A 134 0.32 -12.69 9.61
N PRO A 135 1.60 -12.60 10.02
CA PRO A 135 1.91 -11.72 11.17
C PRO A 135 1.46 -10.28 10.92
N GLN A 136 0.74 -9.67 11.86
CA GLN A 136 0.24 -8.30 11.68
C GLN A 136 0.80 -7.31 12.68
N SER A 137 1.81 -7.73 13.46
CA SER A 137 2.43 -6.86 14.47
C SER A 137 3.92 -7.11 14.52
N PHE A 138 4.66 -6.04 14.79
CA PHE A 138 6.07 -6.14 15.11
C PHE A 138 6.25 -6.73 16.53
N TYR A 139 5.24 -6.56 17.38
CA TYR A 139 5.34 -6.87 18.81
C TYR A 139 4.90 -8.29 19.07
N ASP A 140 5.70 -9.23 18.59
CA ASP A 140 5.34 -10.65 18.60
C ASP A 140 5.93 -11.45 19.76
N GLY A 141 6.56 -10.76 20.72
CA GLY A 141 7.16 -11.42 21.88
C GLY A 141 8.52 -12.03 21.65
N SER A 142 9.05 -11.93 20.42
CA SER A 142 10.32 -12.56 20.02
C SER A 142 11.38 -11.57 19.54
N HIS A 143 11.13 -10.27 19.64
CA HIS A 143 12.07 -9.26 19.14
C HIS A 143 12.31 -8.17 20.18
N SER A 144 13.57 -8.03 20.57
CA SER A 144 13.97 -6.98 21.52
C SER A 144 13.71 -5.58 21.02
N CYS A 145 13.65 -5.40 19.70
CA CYS A 145 13.39 -4.09 19.11
C CYS A 145 11.93 -3.64 19.22
N ALA A 146 11.03 -4.56 19.57
CA ALA A 146 9.59 -4.28 19.71
C ALA A 146 9.04 -5.11 20.87
N ARG A 147 9.21 -4.56 22.07
CA ARG A 147 8.86 -5.24 23.33
C ARG A 147 7.45 -4.90 23.77
N GLY A 148 6.70 -5.88 24.25
CA GLY A 148 5.35 -5.65 24.78
C GLY A 148 4.27 -6.18 23.85
N VAL A 149 3.03 -5.79 24.12
CA VAL A 149 1.88 -6.20 23.27
C VAL A 149 1.31 -4.92 22.72
N CYS A 150 1.14 -4.87 21.40
CA CYS A 150 0.69 -3.67 20.75
C CYS A 150 -0.72 -3.89 20.23
N HIS A 151 -1.63 -3.02 20.60
CA HIS A 151 -2.99 -3.03 20.06
C HIS A 151 -3.22 -1.72 19.34
N ILE A 152 -2.86 -1.71 18.06
CA ILE A 152 -2.91 -0.49 17.28
C ILE A 152 -4.36 -0.16 16.83
N PRO A 153 -4.79 1.10 17.02
CA PRO A 153 -6.11 1.47 16.49
C PRO A 153 -6.15 1.49 14.96
N MET A 154 -7.27 1.01 14.41
CA MET A 154 -7.42 0.90 12.96
C MET A 154 -8.71 1.54 12.46
N ALA A 155 -9.35 2.39 13.27
CA ALA A 155 -10.56 3.08 12.84
C ALA A 155 -10.31 3.90 11.56
N GLU A 156 -9.15 4.54 11.48
CA GLU A 156 -8.74 5.32 10.32
C GLU A 156 -7.36 4.78 9.89
N PRO A 157 -7.35 3.69 9.11
CA PRO A 157 -6.08 3.05 8.80
C PRO A 157 -5.13 3.83 7.89
N PHE A 158 -5.66 4.70 7.04
CA PHE A 158 -4.83 5.41 6.05
C PHE A 158 -4.72 6.88 6.40
N CYS A 159 -3.55 7.44 6.18
CA CYS A 159 -3.28 8.84 6.48
C CYS A 159 -4.21 9.80 5.71
N PRO A 160 -5.11 10.51 6.43
CA PRO A 160 -6.05 11.35 5.67
C PRO A 160 -5.39 12.50 4.89
N LYS A 161 -4.34 13.08 5.44
CA LYS A 161 -3.72 14.23 4.75
C LYS A 161 -3.06 13.82 3.45
N THR A 162 -2.35 12.70 3.45
CA THR A 162 -1.75 12.17 2.23
C THR A 162 -2.83 11.81 1.22
N ARG A 163 -3.86 11.11 1.69
CA ARG A 163 -4.98 10.76 0.82
C ARG A 163 -5.58 11.99 0.14
N GLU A 164 -5.74 13.07 0.90
CA GLU A 164 -6.31 14.29 0.35
C GLU A 164 -5.41 14.91 -0.75
N VAL A 165 -4.09 14.83 -0.58
CA VAL A 165 -3.16 15.33 -1.61
C VAL A 165 -3.24 14.44 -2.85
N LEU A 166 -3.34 13.12 -2.65
CA LEU A 166 -3.53 12.21 -3.79
C LEU A 166 -4.81 12.53 -4.56
N ILE A 167 -5.91 12.74 -3.83
CA ILE A 167 -7.19 13.02 -4.44
C ILE A 167 -7.14 14.33 -5.24
N GLU A 168 -6.63 15.38 -4.63
CA GLU A 168 -6.58 16.69 -5.31
C GLU A 168 -5.63 16.64 -6.55
N THR A 169 -4.53 15.89 -6.44
CA THR A 169 -3.57 15.72 -7.53
C THR A 169 -4.16 14.91 -8.70
N ALA A 170 -4.85 13.80 -8.39
CA ALA A 170 -5.57 13.05 -9.44
C ALA A 170 -6.57 13.94 -10.21
N LYS A 171 -7.26 14.82 -9.47
CA LYS A 171 -8.20 15.77 -10.10
C LYS A 171 -7.45 16.75 -10.99
N LYS A 172 -6.34 17.30 -10.50
CA LYS A 172 -5.49 18.20 -11.29
C LYS A 172 -4.99 17.54 -12.58
N LEU A 173 -4.74 16.24 -12.53
CA LEU A 173 -4.31 15.46 -13.69
C LEU A 173 -5.45 15.01 -14.61
N GLY A 174 -6.70 15.26 -14.22
CA GLY A 174 -7.87 14.84 -15.00
C GLY A 174 -8.14 13.35 -14.96
N LEU A 175 -7.60 12.64 -13.99
CA LEU A 175 -7.73 11.16 -13.92
C LEU A 175 -9.05 10.70 -13.31
N ARG A 176 -9.56 9.57 -13.78
CA ARG A 176 -10.70 8.93 -13.15
C ARG A 176 -10.17 8.37 -11.83
N CYS A 177 -10.71 8.89 -10.73
CA CYS A 177 -10.21 8.54 -9.41
C CYS A 177 -11.40 8.56 -8.43
N HIS A 178 -11.39 7.63 -7.47
CA HIS A 178 -12.44 7.53 -6.46
C HIS A 178 -11.84 7.94 -5.13
N SER A 179 -12.52 8.85 -4.45
CA SER A 179 -12.01 9.48 -3.24
C SER A 179 -12.09 8.64 -1.98
N LYS A 180 -12.81 7.54 -2.05
CA LYS A 180 -12.80 6.57 -0.96
C LYS A 180 -12.99 5.16 -1.50
N GLY A 181 -12.81 4.19 -0.61
CA GLY A 181 -13.06 2.81 -0.99
C GLY A 181 -12.55 1.84 0.05
N THR A 182 -13.28 0.73 0.19
CA THR A 182 -12.95 -0.30 1.14
C THR A 182 -12.30 -1.47 0.40
N MET A 183 -11.05 -1.75 0.75
CA MET A 183 -10.29 -2.84 0.14
C MET A 183 -10.47 -4.10 0.98
N VAL A 184 -10.97 -5.17 0.36
CA VAL A 184 -10.92 -6.47 1.01
C VAL A 184 -9.62 -7.15 0.55
N THR A 185 -8.80 -7.55 1.51
CA THR A 185 -7.56 -8.26 1.22
C THR A 185 -7.77 -9.74 1.53
N ILE A 186 -7.69 -10.56 0.48
CA ILE A 186 -7.84 -12.02 0.60
C ILE A 186 -6.44 -12.66 0.73
N GLU A 187 -6.40 -13.89 1.25
CA GLU A 187 -5.12 -14.55 1.49
C GLU A 187 -4.46 -14.87 0.16
N GLY A 188 -5.25 -15.33 -0.81
CA GLY A 188 -4.72 -15.76 -2.09
C GLY A 188 -3.93 -17.05 -1.91
N PRO A 189 -3.13 -17.43 -2.89
CA PRO A 189 -2.92 -16.67 -4.14
C PRO A 189 -4.01 -16.84 -5.18
N ARG A 190 -4.94 -17.76 -4.96
CA ARG A 190 -6.10 -17.90 -5.84
C ARG A 190 -6.94 -16.61 -5.85
N PHE A 191 -7.66 -16.41 -6.94
CA PHE A 191 -8.71 -15.42 -6.98
C PHE A 191 -9.94 -15.95 -6.24
N SER A 192 -10.89 -15.06 -5.94
CA SER A 192 -12.12 -15.44 -5.26
C SER A 192 -13.10 -16.26 -6.09
N SER A 193 -13.88 -17.08 -5.40
CA SER A 193 -15.03 -17.72 -6.03
C SER A 193 -16.10 -16.65 -6.31
N ARG A 194 -17.06 -16.98 -7.13
CA ARG A 194 -18.15 -16.04 -7.38
C ARG A 194 -18.99 -15.82 -6.13
N ALA A 195 -19.23 -16.89 -5.37
CA ALA A 195 -19.92 -16.75 -4.08
C ALA A 195 -19.19 -15.81 -3.12
N GLU A 196 -17.86 -15.92 -3.06
CA GLU A 196 -17.07 -14.99 -2.26
C GLU A 196 -17.15 -13.56 -2.78
N SER A 197 -17.02 -13.39 -4.10
CA SER A 197 -17.08 -12.04 -4.69
C SER A 197 -18.41 -11.35 -4.33
N PHE A 198 -19.52 -12.07 -4.48
CA PHE A 198 -20.84 -11.53 -4.11
C PHE A 198 -20.92 -11.19 -2.63
N MET A 199 -20.43 -12.09 -1.79
CA MET A 199 -20.47 -11.89 -0.34
C MET A 199 -19.69 -10.63 0.07
N PHE A 200 -18.52 -10.44 -0.52
CA PHE A 200 -17.69 -9.27 -0.19
C PHE A 200 -18.42 -7.96 -0.50
N ARG A 201 -19.18 -7.92 -1.59
CA ARG A 201 -20.01 -6.73 -1.87
C ARG A 201 -21.01 -6.45 -0.77
N THR A 202 -21.67 -7.50 -0.30
CA THR A 202 -22.64 -7.34 0.80
C THR A 202 -21.98 -6.84 2.09
N TRP A 203 -20.70 -7.19 2.29
CA TRP A 203 -19.98 -6.69 3.46
C TRP A 203 -19.51 -5.23 3.36
N GLY A 204 -19.67 -4.63 2.18
CA GLY A 204 -19.28 -3.24 1.95
C GLY A 204 -17.92 -3.07 1.31
N ALA A 205 -17.33 -4.13 0.77
CA ALA A 205 -16.04 -4.02 0.09
C ALA A 205 -16.26 -3.44 -1.31
N ASP A 206 -15.33 -2.60 -1.75
CA ASP A 206 -15.38 -1.93 -3.06
C ASP A 206 -14.34 -2.42 -4.04
N VAL A 207 -13.17 -2.83 -3.53
CA VAL A 207 -12.06 -3.33 -4.34
C VAL A 207 -11.45 -4.50 -3.58
N ILE A 208 -10.72 -5.34 -4.31
CA ILE A 208 -10.19 -6.59 -3.76
C ILE A 208 -8.76 -6.79 -4.19
N ASN A 209 -7.91 -7.19 -3.23
CA ASN A 209 -6.50 -7.44 -3.51
C ASN A 209 -5.95 -8.49 -2.55
N MET A 210 -4.63 -8.66 -2.54
CA MET A 210 -4.00 -9.65 -1.69
C MET A 210 -2.90 -9.11 -0.78
N THR A 211 -2.67 -7.80 -0.76
CA THR A 211 -1.51 -7.23 -0.07
C THR A 211 -1.75 -6.07 0.91
N THR A 212 -2.94 -5.47 0.94
CA THR A 212 -3.10 -4.25 1.75
C THR A 212 -2.92 -4.58 3.24
N VAL A 213 -3.52 -5.69 3.68
CA VAL A 213 -3.30 -6.20 5.03
C VAL A 213 -2.20 -7.27 4.97
N PRO A 214 -1.16 -7.22 5.83
CA PRO A 214 -1.01 -6.37 7.00
C PRO A 214 -0.13 -5.13 6.80
N GLU A 215 0.19 -4.82 5.55
CA GLU A 215 1.05 -3.68 5.24
C GLU A 215 0.58 -2.39 5.94
N VAL A 216 -0.72 -2.09 5.81
CA VAL A 216 -1.32 -0.90 6.42
C VAL A 216 -1.22 -0.91 7.95
N VAL A 217 -1.34 -2.09 8.55
CA VAL A 217 -1.32 -2.24 10.01
C VAL A 217 0.09 -1.96 10.56
N LEU A 218 1.06 -2.61 9.95
CA LEU A 218 2.46 -2.45 10.37
C LEU A 218 2.97 -1.03 10.18
N ALA A 219 2.57 -0.35 9.10
CA ALA A 219 2.90 1.07 8.91
C ALA A 219 2.41 1.90 10.08
N LYS A 220 1.19 1.63 10.51
CA LYS A 220 0.61 2.37 11.61
C LYS A 220 1.39 2.10 12.91
N GLU A 221 1.72 0.85 13.18
CA GLU A 221 2.59 0.52 14.33
C GLU A 221 3.94 1.26 14.31
N ALA A 222 4.48 1.46 13.11
CA ALA A 222 5.75 2.18 12.89
C ALA A 222 5.65 3.69 12.97
N GLY A 223 4.44 4.22 13.15
CA GLY A 223 4.19 5.64 13.23
C GLY A 223 4.37 6.36 11.90
N ILE A 224 4.16 5.65 10.80
CA ILE A 224 4.32 6.19 9.43
C ILE A 224 2.97 6.61 8.84
N CYS A 225 2.94 7.75 8.15
CA CYS A 225 1.74 8.16 7.41
CA CYS A 225 1.79 8.18 7.34
C CYS A 225 1.69 7.31 6.11
N TYR A 226 0.69 6.42 6.05
CA TYR A 226 0.55 5.44 4.95
C TYR A 226 -0.69 5.71 4.11
N ALA A 227 -0.51 5.70 2.79
CA ALA A 227 -1.64 5.80 1.87
C ALA A 227 -1.40 4.87 0.70
N SER A 228 -2.49 4.50 0.03
CA SER A 228 -2.45 3.52 -1.05
C SER A 228 -3.17 4.01 -2.29
N ILE A 229 -2.46 3.90 -3.42
CA ILE A 229 -3.01 4.12 -4.74
C ILE A 229 -3.40 2.75 -5.29
N ALA A 230 -4.69 2.44 -5.25
CA ALA A 230 -5.19 1.17 -5.76
C ALA A 230 -5.62 1.35 -7.19
N MET A 231 -5.15 0.49 -8.07
CA MET A 231 -5.47 0.56 -9.49
CA MET A 231 -5.51 0.56 -9.48
C MET A 231 -6.35 -0.64 -9.85
N ALA A 232 -7.61 -0.39 -10.18
CA ALA A 232 -8.52 -1.45 -10.61
C ALA A 232 -8.15 -1.94 -12.01
N THR A 233 -8.03 -3.27 -12.16
CA THR A 233 -7.60 -3.86 -13.43
C THR A 233 -8.66 -4.68 -14.12
N ASP A 234 -9.78 -4.91 -13.43
CA ASP A 234 -10.85 -5.78 -13.92
C ASP A 234 -11.98 -5.72 -12.93
N TYR A 235 -13.17 -6.13 -13.37
CA TYR A 235 -14.25 -6.38 -12.48
C TYR A 235 -14.06 -7.80 -12.02
N ASP A 236 -14.17 -8.03 -10.72
CA ASP A 236 -14.06 -9.39 -10.20
C ASP A 236 -15.32 -10.11 -10.68
N CYS A 237 -15.37 -11.42 -10.46
CA CYS A 237 -16.29 -12.29 -11.17
C CYS A 237 -17.75 -12.21 -10.75
N TRP A 238 -18.09 -11.38 -9.75
CA TRP A 238 -19.50 -11.05 -9.48
C TRP A 238 -20.22 -10.51 -10.72
N LYS A 239 -19.52 -9.77 -11.58
CA LYS A 239 -20.17 -9.00 -12.63
C LYS A 239 -20.36 -9.85 -13.88
N GLU A 240 -21.58 -9.85 -14.40
CA GLU A 240 -21.90 -10.59 -15.63
C GLU A 240 -21.38 -9.88 -16.87
N HIS A 241 -21.14 -10.68 -17.93
CA HIS A 241 -20.79 -10.16 -19.27
C HIS A 241 -19.50 -9.34 -19.29
N GLU A 242 -18.51 -9.79 -18.52
CA GLU A 242 -17.17 -9.20 -18.57
C GLU A 242 -16.23 -10.34 -18.91
N GLU A 243 -15.01 -9.99 -19.33
CA GLU A 243 -13.97 -11.00 -19.56
C GLU A 243 -13.69 -11.70 -18.23
N ALA A 244 -13.23 -12.94 -18.32
CA ALA A 244 -12.85 -13.69 -17.11
C ALA A 244 -11.66 -13.01 -16.43
N VAL A 245 -11.57 -13.11 -15.11
CA VAL A 245 -10.40 -12.57 -14.37
C VAL A 245 -9.23 -13.51 -14.66
N SER A 246 -8.09 -12.97 -15.04
CA SER A 246 -6.91 -13.81 -15.28
C SER A 246 -5.64 -13.00 -15.09
N VAL A 247 -4.55 -13.70 -14.77
CA VAL A 247 -3.24 -13.07 -14.65
C VAL A 247 -2.93 -12.22 -15.90
N ASP A 248 -3.10 -12.80 -17.08
CA ASP A 248 -2.72 -12.08 -18.32
C ASP A 248 -3.53 -10.80 -18.53
N ARG A 249 -4.82 -10.86 -18.24
CA ARG A 249 -5.67 -9.68 -18.36
C ARG A 249 -5.31 -8.61 -17.33
N VAL A 250 -4.95 -9.03 -16.11
CA VAL A 250 -4.52 -8.08 -15.08
C VAL A 250 -3.26 -7.36 -15.58
N LEU A 251 -2.27 -8.13 -16.03
CA LEU A 251 -1.00 -7.56 -16.45
C LEU A 251 -1.16 -6.62 -17.64
N LYS A 252 -2.04 -6.98 -18.56
CA LYS A 252 -2.28 -6.14 -19.76
C LYS A 252 -2.93 -4.79 -19.40
N THR A 253 -3.91 -4.85 -18.52
CA THR A 253 -4.57 -3.63 -18.04
C THR A 253 -3.59 -2.75 -17.27
N LEU A 254 -2.71 -3.36 -16.48
CA LEU A 254 -1.66 -2.60 -15.79
C LEU A 254 -0.72 -1.92 -16.78
N LYS A 255 -0.28 -2.68 -17.79
CA LYS A 255 0.60 -2.10 -18.81
C LYS A 255 -0.01 -0.87 -19.46
N GLU A 256 -1.31 -0.94 -19.76
CA GLU A 256 -2.05 0.17 -20.35
C GLU A 256 -2.19 1.39 -19.42
N ASN A 257 -2.27 1.16 -18.11
CA ASN A 257 -2.62 2.22 -17.17
C ASN A 257 -1.51 2.65 -16.20
N ALA A 258 -0.35 1.98 -16.21
CA ALA A 258 0.72 2.23 -15.24
C ALA A 258 1.19 3.67 -15.24
N ASN A 259 1.18 4.31 -16.42
CA ASN A 259 1.56 5.72 -16.54
C ASN A 259 0.78 6.63 -15.62
N LYS A 260 -0.49 6.29 -15.34
CA LYS A 260 -1.33 7.10 -14.45
C LYS A 260 -0.78 7.12 -13.02
N ALA A 261 -0.45 5.94 -12.50
CA ALA A 261 0.14 5.85 -11.16
C ALA A 261 1.48 6.58 -11.10
N LYS A 262 2.29 6.46 -12.15
CA LYS A 262 3.59 7.12 -12.16
C LYS A 262 3.42 8.62 -12.14
N SER A 263 2.55 9.16 -13.01
CA SER A 263 2.24 10.60 -12.97
C SER A 263 1.68 11.07 -11.63
N LEU A 264 0.77 10.27 -11.07
CA LEU A 264 0.16 10.65 -9.79
C LEU A 264 1.22 10.74 -8.70
N LEU A 265 2.12 9.76 -8.64
CA LEU A 265 3.22 9.81 -7.67
C LEU A 265 4.17 10.97 -7.92
N LEU A 266 4.58 11.13 -9.17
CA LEU A 266 5.47 12.21 -9.52
C LEU A 266 4.95 13.59 -9.16
N THR A 267 3.64 13.81 -9.29
CA THR A 267 3.04 15.11 -9.06
C THR A 267 2.67 15.30 -7.59
N THR A 268 2.31 14.20 -6.91
CA THR A 268 1.93 14.26 -5.51
C THR A 268 3.12 14.53 -4.58
N ILE A 269 4.21 13.82 -4.82
CA ILE A 269 5.34 13.78 -3.87
C ILE A 269 5.97 15.16 -3.55
N PRO A 270 6.19 16.00 -4.57
CA PRO A 270 6.68 17.36 -4.27
C PRO A 270 5.69 18.20 -3.46
N GLN A 271 4.38 17.97 -3.60
CA GLN A 271 3.40 18.65 -2.75
C GLN A 271 3.44 18.18 -1.30
N ILE A 272 3.68 16.88 -1.07
CA ILE A 272 3.88 16.34 0.28
C ILE A 272 5.12 17.01 0.89
N GLY A 273 6.18 17.11 0.08
CA GLY A 273 7.45 17.68 0.50
C GLY A 273 7.42 19.13 0.94
N SER A 274 6.41 19.88 0.49
CA SER A 274 6.23 21.28 0.88
C SER A 274 5.05 21.51 1.83
N THR A 275 4.47 20.43 2.39
CA THR A 275 3.36 20.52 3.35
C THR A 275 3.96 20.39 4.75
N GLU A 276 3.25 20.93 5.75
CA GLU A 276 3.64 20.85 7.17
C GLU A 276 3.16 19.52 7.78
N TRP A 277 4.08 18.73 8.34
CA TRP A 277 3.74 17.38 8.90
C TRP A 277 4.03 17.14 10.39
N SER A 278 4.70 18.07 11.07
CA SER A 278 5.17 17.84 12.45
C SER A 278 4.08 17.35 13.39
N GLU A 279 2.90 17.99 13.33
CA GLU A 279 1.77 17.64 14.18
C GLU A 279 1.17 16.27 13.81
N THR A 280 0.93 16.08 12.52
CA THR A 280 0.44 14.80 11.99
C THR A 280 1.35 13.66 12.43
N LEU A 281 2.65 13.83 12.27
CA LEU A 281 3.62 12.79 12.63
C LEU A 281 3.74 12.60 14.13
N HIS A 282 3.64 13.68 14.89
CA HIS A 282 3.65 13.58 16.34
C HIS A 282 2.43 12.77 16.85
N ASN A 283 1.25 13.01 16.30
CA ASN A 283 0.06 12.25 16.69
C ASN A 283 0.15 10.75 16.35
N LEU A 284 0.68 10.43 15.18
CA LEU A 284 0.96 9.03 14.82
C LEU A 284 1.97 8.40 15.76
N LYS A 285 3.02 9.14 16.11
CA LYS A 285 4.05 8.63 17.02
C LYS A 285 3.44 8.32 18.41
N ASN A 286 2.62 9.24 18.92
CA ASN A 286 1.94 9.06 20.20
C ASN A 286 0.99 7.87 20.15
N MET A 287 0.17 7.80 19.10
CA MET A 287 -0.75 6.66 18.95
C MET A 287 0.00 5.34 18.98
N ALA A 288 1.12 5.29 18.26
CA ALA A 288 1.94 4.08 18.19
C ALA A 288 2.52 3.71 19.54
N GLN A 289 3.08 4.70 20.24
CA GLN A 289 3.78 4.38 21.48
C GLN A 289 2.78 4.04 22.58
N PHE A 290 1.66 4.77 22.64
CA PHE A 290 0.63 4.52 23.66
C PHE A 290 -0.21 3.26 23.41
N SER A 291 -0.08 2.64 22.23
CA SER A 291 -0.75 1.36 21.96
CA SER A 291 -0.73 1.36 21.92
C SER A 291 -0.02 0.15 22.50
N VAL A 292 1.17 0.36 23.08
CA VAL A 292 1.99 -0.73 23.59
C VAL A 292 1.78 -0.94 25.10
N LEU A 293 1.39 -2.15 25.47
CA LEU A 293 1.34 -2.60 26.87
C LEU A 293 2.70 -3.18 27.23
N LEU A 294 3.36 -2.57 28.22
CA LEU A 294 4.64 -3.03 28.72
C LEU A 294 4.46 -3.91 29.96
N PRO A 295 5.41 -4.83 30.21
CA PRO A 295 5.42 -5.63 31.44
C PRO A 295 6.03 -4.85 32.61
S SO4 B . 0.13 -5.92 -5.50
O1 SO4 B . 1.49 -5.83 -4.93
O2 SO4 B . -0.06 -7.27 -6.06
O3 SO4 B . -0.87 -5.66 -4.44
O4 SO4 B . -0.04 -4.90 -6.55
S SO4 C . -1.97 -20.14 10.29
O1 SO4 C . -0.65 -20.77 10.52
O2 SO4 C . -2.94 -20.68 11.27
O3 SO4 C . -2.42 -20.44 8.91
O4 SO4 C . -1.85 -18.68 10.46
C2 5S7 D . -8.09 -10.37 -6.71
C4 5S7 D . -6.95 -9.05 -8.21
C5 5S7 D . -8.13 -8.96 -9.03
C6 5S7 D . -9.33 -9.66 -8.57
C8 5S7 D . -6.57 -7.84 -9.96
O3' 5S7 D . -2.09 -7.64 -7.47
C3' 5S7 D . -2.68 -8.96 -7.59
C4' 5S7 D . -2.72 -9.46 -9.03
C5' 5S7 D . -2.44 -10.96 -9.24
S5' 5S7 D . -2.44 -11.37 -10.97
CS 5S7 D . -1.00 -10.58 -11.61
C2' 5S7 D . -4.12 -8.73 -7.26
O2' 5S7 D . -4.24 -7.79 -6.23
C1' 5S7 D . -4.64 -8.18 -8.54
O4' 5S7 D . -4.04 -9.15 -9.44
N9 5S7 D . -6.05 -8.32 -8.84
N7 5S7 D . -7.85 -8.18 -10.08
N3 5S7 D . -6.97 -9.75 -7.07
N1 5S7 D . -9.24 -10.33 -7.41
N6 5S7 D . -10.45 -9.60 -9.27
N2 5S7 D . -8.10 -11.07 -5.57
CL CL E . -14.27 -14.38 7.52
C1 GOL F . -22.28 -1.53 -7.62
O1 GOL F . -22.03 -2.42 -8.68
C2 GOL F . -23.73 -1.57 -7.24
O2 GOL F . -24.38 -2.70 -7.83
C3 GOL F . -23.85 -1.68 -5.72
O3 GOL F . -22.83 -0.87 -5.15
C1 GOL G . 7.56 15.78 -11.70
O1 GOL G . 8.82 15.13 -11.93
C2 GOL G . 7.46 16.60 -10.44
O2 GOL G . 7.91 15.71 -9.43
C3 GOL G . 6.03 17.10 -10.23
O3 GOL G . 5.94 18.52 -10.39
#